data_5GKH
#
_entry.id   5GKH
#
_cell.length_a   92.420
_cell.length_b   92.420
_cell.length_c   405.080
_cell.angle_alpha   90.00
_cell.angle_beta   90.00
_cell.angle_gamma   120.00
#
_symmetry.space_group_name_H-M   'P 61 2 2'
#
loop_
_entity.id
_entity.type
_entity.pdbx_description
1 polymer 'Endonuclease EndoMS'
2 polymer "DNA (5'-D(*CP*GP*TP*GP*CP*CP*AP*GP*GP*TP*GP*CP*CP*GP*T)-3')"
3 polymer "DNA (5'-D(*AP*CP*GP*GP*CP*AP*CP*TP*TP*GP*GP*CP*AP*CP*G)-3')"
4 non-polymer (4S)-2-METHYL-2,4-PENTANEDIOL
5 non-polymer 'MAGNESIUM ION'
6 water water
#
loop_
_entity_poly.entity_id
_entity_poly.type
_entity_poly.pdbx_seq_one_letter_code
_entity_poly.pdbx_strand_id
1 'polypeptide(L)'
;MSKDKVTVITSPSTEELVSLVNSALLEEAMLTIFARCKVHYDGRAKSELGSGDRVIIVKPDGSFLIHQSKKREPVNWQPP
GSRVRLELRENPVLVSIRRKPRETLEVELEEVYMVSVFRAEDYEELALTGSEAEMAELIFENPEVIEPGFKPLFREKAIG
TGIVAVLGRDSDGNIVVLELKRRRAELHAVRQLKSYVEILREEYGDKVRGILVAPSLTSGAKRLLEKEGLEFRKLEPPKR
DSKKKGRQKTLF
;
A,B
2 'polydeoxyribonucleotide' (DC)(DG)(DT)(DG)(DC)(DC)(DA)(DG)(DG)(DT)(DG)(DC)(DC)(DG)(DT) C
3 'polydeoxyribonucleotide' (DA)(DC)(DG)(DG)(DC)(DA)(DC)(DT)(DT)(DG)(DG)(DC)(DA)(DC)(DG) D
#
loop_
_chem_comp.id
_chem_comp.type
_chem_comp.name
_chem_comp.formula
DA DNA linking 2'-DEOXYADENOSINE-5'-MONOPHOSPHATE 'C10 H14 N5 O6 P'
DC DNA linking 2'-DEOXYCYTIDINE-5'-MONOPHOSPHATE 'C9 H14 N3 O7 P'
DG DNA linking 2'-DEOXYGUANOSINE-5'-MONOPHOSPHATE 'C10 H14 N5 O7 P'
DT DNA linking THYMIDINE-5'-MONOPHOSPHATE 'C10 H15 N2 O8 P'
MG non-polymer 'MAGNESIUM ION' 'Mg 2'
MPD non-polymer (4S)-2-METHYL-2,4-PENTANEDIOL 'C6 H14 O2'
#
# COMPACT_ATOMS: atom_id res chain seq x y z
N SER A 2 -15.74 -4.63 -32.55
CA SER A 2 -16.96 -4.80 -31.77
C SER A 2 -17.20 -3.64 -30.79
N LYS A 3 -18.44 -3.12 -30.78
CA LYS A 3 -18.93 -2.19 -29.74
C LYS A 3 -19.85 -2.91 -28.73
N ASP A 4 -19.74 -4.23 -28.69
CA ASP A 4 -20.14 -4.97 -27.49
C ASP A 4 -19.23 -4.55 -26.35
N LYS A 5 -19.66 -4.83 -25.11
CA LYS A 5 -18.88 -4.53 -23.93
C LYS A 5 -17.43 -4.99 -24.08
N VAL A 6 -17.24 -6.14 -24.73
CA VAL A 6 -15.89 -6.71 -24.85
C VAL A 6 -15.42 -7.07 -26.26
N THR A 7 -14.18 -6.69 -26.55
CA THR A 7 -13.45 -7.15 -27.73
C THR A 7 -12.22 -7.95 -27.33
N VAL A 8 -12.07 -9.16 -27.86
CA VAL A 8 -10.89 -9.98 -27.55
C VAL A 8 -10.22 -10.42 -28.82
N ILE A 9 -8.90 -10.31 -28.86
CA ILE A 9 -8.12 -10.86 -29.95
C ILE A 9 -6.93 -11.62 -29.41
N THR A 10 -6.84 -12.91 -29.73
CA THR A 10 -5.68 -13.70 -29.37
C THR A 10 -4.67 -13.73 -30.51
N SER A 11 -3.40 -13.65 -30.15
CA SER A 11 -2.31 -13.54 -31.09
C SER A 11 -2.59 -12.40 -32.07
N PRO A 12 -2.65 -11.18 -31.56
CA PRO A 12 -2.99 -10.12 -32.51
C PRO A 12 -1.83 -9.82 -33.46
N SER A 13 -2.16 -9.29 -34.63
CA SER A 13 -1.17 -8.67 -35.49
C SER A 13 -0.84 -7.33 -34.87
N THR A 14 0.27 -6.76 -35.32
CA THR A 14 0.64 -5.44 -34.86
C THR A 14 -0.49 -4.42 -35.10
N GLU A 15 -1.12 -4.48 -36.26
CA GLU A 15 -2.16 -3.51 -36.55
C GLU A 15 -3.40 -3.84 -35.72
N GLU A 16 -3.64 -5.13 -35.49
CA GLU A 16 -4.69 -5.55 -34.56
C GLU A 16 -4.39 -4.99 -33.17
N LEU A 17 -3.15 -5.17 -32.72
CA LEU A 17 -2.72 -4.69 -31.41
C LEU A 17 -2.89 -3.20 -31.29
N VAL A 18 -2.45 -2.48 -32.32
CA VAL A 18 -2.56 -1.03 -32.33
C VAL A 18 -4.02 -0.62 -32.27
N SER A 19 -4.84 -1.28 -33.08
CA SER A 19 -6.24 -0.94 -33.20
C SER A 19 -6.96 -0.96 -31.86
N LEU A 20 -6.76 -2.05 -31.11
CA LEU A 20 -7.43 -2.21 -29.83
C LEU A 20 -6.94 -1.25 -28.75
N VAL A 21 -5.63 -1.13 -28.62
CA VAL A 21 -5.08 -0.14 -27.71
C VAL A 21 -5.64 1.25 -28.00
N ASN A 22 -5.62 1.64 -29.26
CA ASN A 22 -6.23 2.90 -29.68
C ASN A 22 -7.66 3.05 -29.20
N SER A 23 -8.50 2.08 -29.55
CA SER A 23 -9.91 2.17 -29.19
C SER A 23 -10.12 2.20 -27.69
N ALA A 24 -9.31 1.44 -26.94
CA ALA A 24 -9.45 1.39 -25.49
C ALA A 24 -9.32 2.80 -24.93
N LEU A 25 -8.18 3.44 -25.23
CA LEU A 25 -7.93 4.81 -24.81
C LEU A 25 -9.02 5.78 -25.27
N LEU A 26 -9.36 5.70 -26.54
CA LEU A 26 -10.34 6.59 -27.13
C LEU A 26 -11.72 6.44 -26.52
N GLU A 27 -12.07 5.22 -26.12
CA GLU A 27 -13.42 4.93 -25.62
C GLU A 27 -13.53 4.98 -24.09
N GLU A 28 -12.42 5.34 -23.45
CA GLU A 28 -12.34 5.40 -21.99
C GLU A 28 -12.72 4.03 -21.44
N ALA A 29 -12.18 2.99 -22.07
CA ALA A 29 -12.42 1.61 -21.70
C ALA A 29 -11.26 1.02 -20.87
N MET A 30 -11.32 -0.27 -20.59
CA MET A 30 -10.25 -0.96 -19.88
C MET A 30 -9.46 -1.84 -20.84
N LEU A 31 -8.17 -1.55 -20.95
CA LEU A 31 -7.31 -2.32 -21.81
C LEU A 31 -6.65 -3.40 -20.97
N THR A 32 -6.80 -4.64 -21.39
CA THR A 32 -6.12 -5.76 -20.73
C THR A 32 -5.29 -6.53 -21.75
N ILE A 33 -4.04 -6.82 -21.39
CA ILE A 33 -3.13 -7.53 -22.28
C ILE A 33 -2.46 -8.68 -21.55
N PHE A 34 -2.41 -9.85 -22.21
CA PHE A 34 -1.60 -10.96 -21.75
C PHE A 34 -0.40 -11.03 -22.67
N ALA A 35 0.80 -10.80 -22.15
CA ALA A 35 1.94 -10.80 -23.05
C ALA A 35 3.20 -11.27 -22.35
N ARG A 36 4.14 -11.76 -23.15
CA ARG A 36 5.50 -11.90 -22.67
C ARG A 36 6.18 -10.57 -22.91
N CYS A 37 6.89 -10.07 -21.90
CA CYS A 37 7.41 -8.71 -21.98
C CYS A 37 8.65 -8.43 -21.14
N LYS A 38 9.29 -7.32 -21.45
CA LYS A 38 10.30 -6.70 -20.58
C LYS A 38 9.74 -5.40 -19.97
N VAL A 39 10.15 -5.04 -18.75
CA VAL A 39 9.65 -3.80 -18.17
C VAL A 39 10.76 -2.94 -17.59
N HIS A 40 10.79 -1.69 -18.02
CA HIS A 40 11.79 -0.75 -17.52
C HIS A 40 11.08 0.42 -16.82
N TYR A 41 11.44 0.66 -15.56
CA TYR A 41 10.86 1.77 -14.82
C TYR A 41 11.97 2.73 -14.36
N ASP A 42 11.76 4.02 -14.59
CA ASP A 42 12.64 5.04 -14.05
C ASP A 42 11.78 6.22 -13.61
N GLY A 43 12.12 6.78 -12.45
CA GLY A 43 11.18 7.57 -11.68
C GLY A 43 11.77 7.77 -10.30
N ARG A 44 10.92 7.83 -9.28
CA ARG A 44 11.38 7.89 -7.91
C ARG A 44 12.47 6.87 -7.61
N ALA A 45 12.32 5.67 -8.15
CA ALA A 45 13.40 4.68 -8.13
C ALA A 45 13.66 4.19 -9.54
N LYS A 46 14.47 3.15 -9.66
CA LYS A 46 14.79 2.61 -10.97
C LYS A 46 14.69 1.09 -10.87
N SER A 47 14.19 0.51 -11.95
CA SER A 47 13.70 -0.86 -11.92
C SER A 47 13.92 -1.56 -13.25
N GLU A 48 14.30 -2.84 -13.20
CA GLU A 48 14.32 -3.65 -14.42
C GLU A 48 13.70 -5.00 -14.15
N LEU A 49 12.95 -5.50 -15.13
CA LEU A 49 12.33 -6.83 -15.11
C LEU A 49 12.51 -7.50 -16.47
N GLY A 50 13.03 -8.72 -16.45
CA GLY A 50 13.33 -9.43 -17.69
C GLY A 50 12.13 -10.15 -18.27
N SER A 51 12.38 -10.82 -19.39
CA SER A 51 11.33 -11.48 -20.16
C SER A 51 10.53 -12.48 -19.34
N GLY A 52 9.21 -12.44 -19.49
CA GLY A 52 8.33 -13.24 -18.67
C GLY A 52 6.90 -12.93 -19.03
N ASP A 53 5.98 -13.81 -18.63
CA ASP A 53 4.57 -13.59 -18.92
C ASP A 53 3.95 -12.79 -17.80
N ARG A 54 3.24 -11.73 -18.15
CA ARG A 54 2.49 -10.99 -17.16
C ARG A 54 1.12 -10.58 -17.67
N VAL A 55 0.28 -10.13 -16.76
CA VAL A 55 -0.98 -9.52 -17.15
C VAL A 55 -0.79 -8.02 -17.07
N ILE A 56 -1.23 -7.30 -18.10
CA ILE A 56 -1.14 -5.85 -18.10
C ILE A 56 -2.52 -5.22 -18.16
N ILE A 57 -2.75 -4.21 -17.32
CA ILE A 57 -4.04 -3.52 -17.32
C ILE A 57 -3.83 -2.02 -17.39
N VAL A 58 -4.50 -1.36 -18.32
CA VAL A 58 -4.49 0.10 -18.34
C VAL A 58 -5.89 0.62 -18.12
N LYS A 59 -6.08 1.41 -17.09
CA LYS A 59 -7.41 1.89 -16.79
C LYS A 59 -7.69 3.20 -17.54
N PRO A 60 -8.98 3.49 -17.78
CA PRO A 60 -9.29 4.75 -18.45
C PRO A 60 -8.83 5.97 -17.64
N ASP A 61 -8.64 5.85 -16.33
CA ASP A 61 -8.18 7.00 -15.55
C ASP A 61 -6.64 7.12 -15.59
N GLY A 62 -5.99 6.23 -16.32
CA GLY A 62 -4.57 6.36 -16.56
C GLY A 62 -3.71 5.40 -15.78
N SER A 63 -4.30 4.72 -14.81
CA SER A 63 -3.59 3.73 -14.00
C SER A 63 -3.12 2.57 -14.87
N PHE A 64 -1.98 2.02 -14.50
CA PHE A 64 -1.27 1.05 -15.31
C PHE A 64 -0.82 -0.02 -14.33
N LEU A 65 -1.19 -1.27 -14.58
CA LEU A 65 -0.81 -2.35 -13.69
C LEU A 65 -0.13 -3.44 -14.46
N ILE A 66 0.99 -3.91 -13.95
CA ILE A 66 1.59 -5.13 -14.45
C ILE A 66 1.68 -6.19 -13.34
N HIS A 67 0.98 -7.30 -13.53
CA HIS A 67 0.97 -8.38 -12.54
C HIS A 67 1.68 -9.65 -13.02
N GLN A 68 2.57 -10.16 -12.19
CA GLN A 68 3.14 -11.50 -12.36
C GLN A 68 2.20 -12.52 -11.72
N SER A 69 2.56 -13.80 -11.77
CA SER A 69 1.69 -14.86 -11.28
C SER A 69 1.51 -14.83 -9.76
N LYS A 70 2.33 -14.03 -9.07
CA LYS A 70 2.30 -14.02 -7.61
C LYS A 70 2.02 -12.63 -6.97
N LYS A 71 1.90 -12.70 -5.65
CA LYS A 71 1.51 -11.66 -4.68
C LYS A 71 0.24 -10.85 -4.99
N ARG A 72 0.02 -9.75 -4.28
CA ARG A 72 -1.20 -8.95 -4.45
C ARG A 72 -0.88 -7.66 -5.17
N GLU A 73 0.43 -7.48 -5.32
CA GLU A 73 1.02 -6.23 -5.71
C GLU A 73 1.53 -6.31 -7.11
N PRO A 74 1.18 -5.33 -7.94
CA PRO A 74 1.75 -5.27 -9.29
C PRO A 74 3.27 -5.17 -9.21
N VAL A 75 3.99 -5.76 -10.16
CA VAL A 75 5.44 -5.70 -10.16
C VAL A 75 5.93 -4.31 -10.54
N ASN A 76 5.15 -3.66 -11.41
CA ASN A 76 5.41 -2.30 -11.82
C ASN A 76 4.07 -1.68 -12.14
N TRP A 77 4.03 -0.37 -12.16
CA TRP A 77 2.75 0.30 -12.28
C TRP A 77 2.93 1.75 -12.65
N GLN A 78 1.84 2.47 -12.55
CA GLN A 78 1.81 3.87 -12.87
C GLN A 78 0.45 4.36 -12.36
N PRO A 79 0.44 5.50 -11.66
CA PRO A 79 -0.72 6.06 -10.96
C PRO A 79 -1.74 6.75 -11.87
N PRO A 80 -2.97 6.97 -11.37
CA PRO A 80 -4.01 7.71 -12.10
C PRO A 80 -3.46 9.00 -12.66
N GLY A 81 -3.85 9.36 -13.88
CA GLY A 81 -3.39 10.59 -14.50
C GLY A 81 -2.16 10.45 -15.38
N SER A 82 -1.60 9.26 -15.45
CA SER A 82 -0.46 9.03 -16.34
C SER A 82 -0.93 8.91 -17.75
N ARG A 83 -0.10 9.34 -18.71
CA ARG A 83 -0.47 9.25 -20.11
C ARG A 83 0.25 8.10 -20.79
N VAL A 84 -0.49 7.27 -21.51
CA VAL A 84 0.14 6.16 -22.19
C VAL A 84 0.08 6.35 -23.70
N ARG A 85 1.08 5.80 -24.38
CA ARG A 85 1.08 5.73 -25.83
C ARG A 85 1.72 4.42 -26.22
N LEU A 86 1.48 3.96 -27.46
CA LEU A 86 2.08 2.72 -27.92
C LEU A 86 3.07 3.00 -29.06
N GLU A 87 4.36 2.86 -28.79
CA GLU A 87 5.38 3.14 -29.79
C GLU A 87 5.74 1.87 -30.52
N LEU A 88 5.97 1.97 -31.82
CA LEU A 88 6.42 0.82 -32.58
C LEU A 88 7.90 0.96 -32.87
N ARG A 89 8.66 0.15 -32.15
CA ARG A 89 10.08 -0.08 -32.35
C ARG A 89 10.11 -1.55 -32.73
N GLU A 90 11.28 -2.20 -32.73
CA GLU A 90 11.38 -3.58 -33.19
C GLU A 90 10.30 -4.48 -32.61
N ASN A 91 9.89 -4.22 -31.37
CA ASN A 91 8.63 -4.74 -30.83
C ASN A 91 7.77 -3.57 -30.39
N PRO A 92 6.45 -3.79 -30.25
CA PRO A 92 5.64 -2.68 -29.74
C PRO A 92 6.01 -2.37 -28.29
N VAL A 93 5.99 -1.09 -27.93
CA VAL A 93 6.29 -0.73 -26.57
C VAL A 93 5.25 0.21 -26.04
N LEU A 94 4.56 -0.24 -24.99
CA LEU A 94 3.73 0.63 -24.18
C LEU A 94 4.61 1.57 -23.40
N VAL A 95 4.30 2.85 -23.45
CA VAL A 95 5.04 3.84 -22.69
C VAL A 95 4.03 4.65 -21.92
N SER A 96 4.16 4.65 -20.61
CA SER A 96 3.27 5.42 -19.76
C SER A 96 4.11 6.41 -18.96
N ILE A 97 3.74 7.68 -19.01
CA ILE A 97 4.48 8.69 -18.28
C ILE A 97 3.62 9.40 -17.26
N ARG A 98 4.17 9.50 -16.06
CA ARG A 98 3.62 10.34 -15.01
C ARG A 98 4.48 11.58 -14.92
N ARG A 99 3.86 12.72 -14.66
CA ARG A 99 4.62 13.93 -14.33
C ARG A 99 4.35 14.30 -12.88
N LYS A 100 5.27 15.03 -12.26
CA LYS A 100 5.13 15.41 -10.85
C LYS A 100 4.89 14.21 -9.93
N PRO A 101 5.95 13.46 -9.60
CA PRO A 101 7.28 13.62 -10.17
C PRO A 101 7.35 12.92 -11.50
N ARG A 102 8.43 13.08 -12.24
CA ARG A 102 8.45 12.56 -13.59
C ARG A 102 8.82 11.10 -13.52
N GLU A 103 7.94 10.24 -14.00
CA GLU A 103 8.19 8.80 -13.98
C GLU A 103 7.76 8.14 -15.28
N THR A 104 8.65 7.39 -15.90
CA THR A 104 8.28 6.72 -17.13
C THR A 104 8.30 5.21 -16.94
N LEU A 105 7.28 4.56 -17.50
CA LEU A 105 7.14 3.11 -17.46
C LEU A 105 7.17 2.61 -18.88
N GLU A 106 8.03 1.64 -19.15
CA GLU A 106 8.18 1.13 -20.51
C GLU A 106 7.99 -0.38 -20.55
N VAL A 107 6.92 -0.81 -21.21
CA VAL A 107 6.70 -2.24 -21.40
C VAL A 107 6.91 -2.64 -22.85
N GLU A 108 7.98 -3.40 -23.09
CA GLU A 108 8.24 -3.93 -24.40
C GLU A 108 7.41 -5.18 -24.57
N LEU A 109 6.55 -5.20 -25.58
CA LEU A 109 5.73 -6.37 -25.81
C LEU A 109 6.44 -7.29 -26.79
N GLU A 110 6.98 -8.39 -26.27
CA GLU A 110 7.77 -9.34 -27.06
C GLU A 110 6.88 -10.28 -27.84
N GLU A 111 5.88 -10.81 -27.15
CA GLU A 111 4.77 -11.50 -27.79
C GLU A 111 3.48 -11.20 -27.08
N VAL A 112 2.49 -10.71 -27.81
CA VAL A 112 1.20 -10.51 -27.18
C VAL A 112 0.26 -11.70 -27.39
N TYR A 113 -0.01 -12.41 -26.31
CA TYR A 113 -0.86 -13.60 -26.38
C TYR A 113 -2.31 -13.18 -26.54
N MET A 114 -2.70 -12.13 -25.84
CA MET A 114 -4.05 -11.64 -25.97
C MET A 114 -4.10 -10.15 -25.70
N VAL A 115 -4.93 -9.44 -26.45
CA VAL A 115 -5.26 -8.05 -26.22
C VAL A 115 -6.77 -8.01 -26.06
N SER A 116 -7.28 -7.12 -25.21
CA SER A 116 -8.72 -7.04 -25.01
C SER A 116 -9.17 -5.65 -24.58
N VAL A 117 -10.37 -5.28 -25.00
CA VAL A 117 -10.96 -4.02 -24.61
C VAL A 117 -12.26 -4.28 -23.87
N PHE A 118 -12.43 -3.66 -22.72
CA PHE A 118 -13.58 -3.93 -21.86
C PHE A 118 -14.27 -2.61 -21.55
N ARG A 119 -15.46 -2.40 -22.08
CA ARG A 119 -16.04 -1.10 -21.93
C ARG A 119 -16.98 -1.17 -20.77
N ALA A 120 -16.47 -0.81 -19.60
CA ALA A 120 -17.08 -1.25 -18.36
C ALA A 120 -17.90 -0.15 -17.71
N GLU A 121 -19.16 -0.44 -17.41
CA GLU A 121 -19.99 0.51 -16.67
C GLU A 121 -19.99 0.20 -15.17
N ASP A 122 -19.54 1.14 -14.37
CA ASP A 122 -19.64 1.00 -12.93
C ASP A 122 -20.08 2.32 -12.30
N TYR A 123 -21.30 2.38 -11.78
CA TYR A 123 -21.74 3.60 -11.10
C TYR A 123 -21.71 3.50 -9.57
N GLU A 124 -21.32 2.34 -9.05
CA GLU A 124 -21.39 2.10 -7.61
C GLU A 124 -20.06 2.36 -6.89
N GLU A 125 -20.13 3.03 -5.74
CA GLU A 125 -18.95 3.22 -4.88
C GLU A 125 -18.92 2.25 -3.71
N LEU A 126 -17.72 1.79 -3.35
CA LEU A 126 -17.52 0.90 -2.22
C LEU A 126 -18.04 1.42 -0.88
N ALA A 127 -18.78 0.61 -0.14
CA ALA A 127 -19.15 0.99 1.21
C ALA A 127 -18.44 0.09 2.19
N LEU A 128 -17.66 0.71 3.07
CA LEU A 128 -16.75 0.02 3.97
C LEU A 128 -17.11 0.41 5.39
N THR A 129 -17.11 -0.54 6.31
CA THR A 129 -17.36 -0.20 7.68
C THR A 129 -16.25 -0.82 8.53
N GLY A 130 -16.11 -0.36 9.77
CA GLY A 130 -15.06 -0.83 10.65
C GLY A 130 -13.76 -0.05 10.57
N SER A 131 -13.85 1.22 10.19
CA SER A 131 -12.67 2.07 10.02
C SER A 131 -12.34 2.88 11.28
N GLU A 132 -11.25 3.64 11.26
CA GLU A 132 -10.87 4.50 12.40
C GLU A 132 -11.85 5.64 12.58
N ALA A 133 -12.32 6.21 11.48
CA ALA A 133 -13.28 7.29 11.55
C ALA A 133 -14.51 6.79 12.30
N GLU A 134 -14.86 5.53 12.06
CA GLU A 134 -16.05 4.98 12.70
C GLU A 134 -15.84 4.91 14.19
N MET A 135 -14.61 4.57 14.59
CA MET A 135 -14.26 4.56 16.00
C MET A 135 -14.47 5.93 16.58
N ALA A 136 -13.98 6.95 15.86
CA ALA A 136 -14.13 8.33 16.29
C ALA A 136 -15.60 8.66 16.56
N GLU A 137 -16.45 8.34 15.59
CA GLU A 137 -17.86 8.67 15.68
C GLU A 137 -18.48 8.00 16.90
N LEU A 138 -18.03 6.79 17.20
CA LEU A 138 -18.54 6.08 18.35
C LEU A 138 -18.23 6.87 19.60
N ILE A 139 -17.01 7.39 19.64
CA ILE A 139 -16.53 8.09 20.83
C ILE A 139 -17.25 9.41 20.99
N PHE A 140 -17.59 10.05 19.88
CA PHE A 140 -18.28 11.31 19.99
C PHE A 140 -19.74 11.13 20.37
N GLU A 141 -20.35 10.04 19.94
CA GLU A 141 -21.74 9.82 20.30
C GLU A 141 -21.88 9.02 21.59
N ASN A 142 -20.78 8.43 22.08
CA ASN A 142 -20.79 7.69 23.34
C ASN A 142 -19.52 7.81 24.17
N PRO A 143 -19.19 9.01 24.65
CA PRO A 143 -17.88 9.18 25.29
C PRO A 143 -17.60 8.27 26.48
N GLU A 144 -18.63 7.77 27.14
CA GLU A 144 -18.43 6.89 28.30
C GLU A 144 -17.60 5.68 27.89
N VAL A 145 -17.61 5.37 26.59
CA VAL A 145 -16.86 4.25 26.04
C VAL A 145 -15.34 4.46 26.25
N ILE A 146 -14.96 5.66 26.66
CA ILE A 146 -13.58 5.95 27.02
C ILE A 146 -13.45 5.90 28.54
N GLU A 147 -14.00 6.89 29.22
CA GLU A 147 -14.18 6.85 30.66
C GLU A 147 -15.42 7.69 30.99
N PRO A 148 -16.02 7.51 32.18
CA PRO A 148 -17.15 8.37 32.53
C PRO A 148 -16.76 9.85 32.62
N GLY A 149 -17.65 10.73 32.16
CA GLY A 149 -17.39 12.16 32.19
C GLY A 149 -16.36 12.66 31.19
N PHE A 150 -15.95 11.82 30.24
CA PHE A 150 -15.03 12.27 29.21
C PHE A 150 -15.77 13.20 28.25
N LYS A 151 -15.09 14.28 27.86
CA LYS A 151 -15.67 15.35 27.07
C LYS A 151 -14.85 15.52 25.81
N PRO A 152 -15.25 14.82 24.73
CA PRO A 152 -14.57 14.99 23.44
C PRO A 152 -14.91 16.35 22.83
N LEU A 153 -13.91 17.00 22.27
CA LEU A 153 -14.01 18.39 21.80
C LEU A 153 -13.66 18.51 20.34
N PHE A 154 -12.48 18.03 19.94
CA PHE A 154 -12.08 18.09 18.54
C PHE A 154 -11.74 16.74 17.93
N ARG A 155 -11.87 16.67 16.62
CA ARG A 155 -11.53 15.48 15.86
C ARG A 155 -10.57 15.92 14.76
N GLU A 156 -9.49 15.16 14.57
CA GLU A 156 -8.54 15.43 13.50
C GLU A 156 -8.08 16.88 13.57
N LYS A 157 -7.58 17.26 14.76
CA LYS A 157 -7.22 18.64 15.08
C LYS A 157 -5.73 18.89 14.91
N ALA A 158 -5.40 19.93 14.15
CA ALA A 158 -4.00 20.32 14.12
C ALA A 158 -3.69 21.00 15.45
N ILE A 159 -2.75 20.41 16.17
CA ILE A 159 -2.01 21.08 17.22
C ILE A 159 -0.79 21.61 16.49
N GLY A 160 0.23 22.06 17.20
CA GLY A 160 1.30 22.74 16.49
C GLY A 160 2.00 21.91 15.44
N THR A 161 2.52 20.77 15.87
CA THR A 161 3.26 19.88 15.00
C THR A 161 2.56 18.54 15.05
N GLY A 162 1.93 18.15 13.94
CA GLY A 162 1.13 16.91 13.91
C GLY A 162 -0.38 17.06 14.07
N ILE A 163 -1.13 16.02 13.71
CA ILE A 163 -2.58 16.08 13.82
C ILE A 163 -3.13 15.02 14.76
N VAL A 164 -3.84 15.48 15.78
CA VAL A 164 -4.40 14.64 16.85
C VAL A 164 -5.72 14.02 16.43
N ALA A 165 -5.94 12.74 16.75
CA ALA A 165 -7.19 12.08 16.35
C ALA A 165 -8.42 12.62 17.09
N VAL A 166 -8.37 12.58 18.42
CA VAL A 166 -9.43 13.13 19.22
C VAL A 166 -8.79 13.90 20.36
N LEU A 167 -9.32 15.08 20.62
CA LEU A 167 -8.83 15.92 21.68
C LEU A 167 -9.98 16.31 22.59
N GLY A 168 -9.74 16.31 23.90
CA GLY A 168 -10.82 16.58 24.83
C GLY A 168 -10.37 16.81 26.26
N ARG A 169 -11.32 16.70 27.18
CA ARG A 169 -11.07 16.88 28.61
C ARG A 169 -11.65 15.71 29.39
N ASP A 170 -11.25 15.55 30.64
CA ASP A 170 -11.89 14.57 31.50
C ASP A 170 -12.63 15.27 32.65
N SER A 171 -13.16 14.48 33.57
CA SER A 171 -13.90 15.01 34.72
C SER A 171 -13.08 15.91 35.64
N ASP A 172 -11.77 15.69 35.72
CA ASP A 172 -10.91 16.45 36.63
C ASP A 172 -10.26 17.65 35.97
N GLY A 173 -10.54 17.83 34.68
CA GLY A 173 -10.09 19.03 33.96
C GLY A 173 -8.77 19.01 33.21
N ASN A 174 -8.22 17.82 32.99
CA ASN A 174 -7.03 17.68 32.15
C ASN A 174 -7.38 17.71 30.67
N ILE A 175 -6.42 18.12 29.86
CA ILE A 175 -6.55 17.86 28.43
C ILE A 175 -6.33 16.37 28.17
N VAL A 176 -7.16 15.78 27.32
CA VAL A 176 -6.99 14.38 27.01
C VAL A 176 -6.80 14.18 25.49
N VAL A 177 -5.72 13.50 25.14
CA VAL A 177 -5.43 13.10 23.76
C VAL A 177 -5.72 11.63 23.52
N LEU A 178 -6.40 11.33 22.42
CA LEU A 178 -6.57 9.95 22.00
C LEU A 178 -5.79 9.71 20.71
N GLU A 179 -4.99 8.63 20.66
CA GLU A 179 -4.65 8.05 19.37
C GLU A 179 -5.49 6.79 19.27
N LEU A 180 -6.28 6.72 18.21
CA LEU A 180 -7.08 5.54 17.88
C LEU A 180 -6.34 4.69 16.86
N LYS A 181 -6.50 3.36 16.98
CA LYS A 181 -6.05 2.44 15.95
C LYS A 181 -7.08 1.34 15.75
N ARG A 182 -7.40 1.03 14.49
CA ARG A 182 -8.44 0.04 14.16
C ARG A 182 -7.92 -1.38 14.29
N ARG A 183 -6.63 -1.51 14.55
CA ARG A 183 -6.01 -2.81 14.74
C ARG A 183 -5.10 -2.75 15.94
N ARG A 184 -4.42 -3.87 16.21
CA ARG A 184 -3.39 -3.95 17.22
C ARG A 184 -2.44 -2.78 17.05
N ALA A 185 -2.15 -2.10 18.15
CA ALA A 185 -1.36 -0.89 18.10
C ALA A 185 0.12 -1.21 18.24
N GLU A 186 0.94 -0.63 17.36
CA GLU A 186 2.38 -0.84 17.37
C GLU A 186 3.15 0.37 17.92
N LEU A 187 4.47 0.28 17.98
CA LEU A 187 5.31 1.41 18.43
C LEU A 187 4.98 2.69 17.70
N HIS A 188 4.71 2.55 16.41
CA HIS A 188 4.35 3.67 15.55
C HIS A 188 3.31 4.56 16.26
N ALA A 189 2.30 3.93 16.86
CA ALA A 189 1.17 4.65 17.43
C ALA A 189 1.55 5.34 18.73
N VAL A 190 2.26 4.61 19.58
CA VAL A 190 2.61 5.16 20.87
C VAL A 190 3.48 6.38 20.66
N ARG A 191 4.32 6.35 19.62
CA ARG A 191 5.18 7.49 19.28
C ARG A 191 4.36 8.69 18.85
N GLN A 192 3.29 8.44 18.09
CA GLN A 192 2.35 9.48 17.73
C GLN A 192 1.83 10.10 19.01
N LEU A 193 1.22 9.27 19.84
CA LEU A 193 0.65 9.71 21.11
C LEU A 193 1.65 10.49 21.97
N LYS A 194 2.83 9.93 22.20
CA LYS A 194 3.86 10.57 23.01
C LYS A 194 4.15 11.95 22.45
N SER A 195 4.35 12.01 21.14
CA SER A 195 4.62 13.27 20.46
C SER A 195 3.56 14.34 20.74
N TYR A 196 2.30 13.98 20.52
CA TYR A 196 1.21 14.92 20.76
C TYR A 196 1.19 15.41 22.20
N VAL A 197 1.17 14.47 23.13
CA VAL A 197 1.05 14.79 24.54
C VAL A 197 2.15 15.74 24.98
N GLU A 198 3.37 15.50 24.50
CA GLU A 198 4.48 16.38 24.81
C GLU A 198 4.22 17.80 24.31
N ILE A 199 3.69 17.93 23.12
CA ILE A 199 3.38 19.24 22.57
C ILE A 199 2.30 19.97 23.38
N LEU A 200 1.23 19.26 23.74
CA LEU A 200 0.17 19.85 24.54
C LEU A 200 0.69 20.25 25.93
N ARG A 201 1.62 19.47 26.50
CA ARG A 201 2.25 19.86 27.78
C ARG A 201 2.96 21.21 27.69
N GLU A 202 3.59 21.51 26.56
CA GLU A 202 4.31 22.78 26.40
C GLU A 202 3.41 24.00 26.57
N GLU A 203 2.09 23.78 26.54
CA GLU A 203 1.11 24.85 26.78
C GLU A 203 0.39 24.66 28.10
N TYR A 204 -0.30 23.54 28.23
CA TYR A 204 -1.18 23.28 29.36
C TYR A 204 -0.48 22.60 30.51
N GLY A 205 0.84 22.50 30.40
CA GLY A 205 1.66 22.08 31.52
C GLY A 205 1.33 20.66 31.91
N ASP A 206 1.51 20.34 33.18
CA ASP A 206 1.58 18.95 33.56
C ASP A 206 0.23 18.24 33.65
N LYS A 207 -0.88 18.93 33.40
CA LYS A 207 -2.12 18.16 33.36
C LYS A 207 -2.55 17.92 31.91
N VAL A 208 -2.14 16.77 31.40
CA VAL A 208 -2.51 16.28 30.07
C VAL A 208 -2.44 14.77 30.17
N ARG A 209 -3.38 14.08 29.56
CA ARG A 209 -3.32 12.63 29.49
C ARG A 209 -3.36 12.19 28.03
N GLY A 210 -2.42 11.34 27.64
CA GLY A 210 -2.57 10.56 26.41
C GLY A 210 -3.26 9.25 26.67
N ILE A 211 -4.15 8.86 25.76
CA ILE A 211 -4.82 7.57 25.86
C ILE A 211 -4.82 6.87 24.51
N LEU A 212 -4.23 5.68 24.47
CA LEU A 212 -4.20 4.90 23.24
C LEU A 212 -5.40 3.98 23.18
N VAL A 213 -6.26 4.21 22.19
CA VAL A 213 -7.50 3.48 22.07
C VAL A 213 -7.41 2.48 20.90
N ALA A 214 -7.41 1.19 21.23
CA ALA A 214 -7.30 0.17 20.19
C ALA A 214 -7.86 -1.14 20.66
N PRO A 215 -7.96 -2.12 19.76
CA PRO A 215 -8.35 -3.45 20.22
C PRO A 215 -7.25 -4.14 21.02
N SER A 216 -5.99 -3.78 20.77
CA SER A 216 -4.84 -4.36 21.48
C SER A 216 -3.55 -3.62 21.18
N LEU A 217 -2.47 -4.13 21.79
CA LEU A 217 -1.13 -3.55 21.66
C LEU A 217 -0.10 -4.61 21.37
N THR A 218 0.93 -4.25 20.62
CA THR A 218 2.08 -5.12 20.54
C THR A 218 2.85 -5.03 21.85
N SER A 219 3.70 -6.01 22.09
CA SER A 219 4.55 -6.03 23.25
C SER A 219 5.27 -4.70 23.45
N GLY A 220 5.91 -4.21 22.39
CA GLY A 220 6.68 -2.98 22.47
C GLY A 220 5.83 -1.76 22.73
N ALA A 221 4.66 -1.72 22.10
CA ALA A 221 3.72 -0.65 22.34
C ALA A 221 3.39 -0.61 23.82
N LYS A 222 2.93 -1.73 24.37
CA LYS A 222 2.62 -1.85 25.81
C LYS A 222 3.80 -1.42 26.67
N ARG A 223 4.98 -1.92 26.31
CA ARG A 223 6.21 -1.56 26.98
C ARG A 223 6.39 -0.05 27.00
N LEU A 224 6.58 0.54 25.81
CA LEU A 224 6.81 1.98 25.73
C LEU A 224 5.67 2.79 26.32
N LEU A 225 4.44 2.32 26.13
CA LEU A 225 3.30 3.05 26.64
C LEU A 225 3.42 3.25 28.14
N GLU A 226 3.63 2.17 28.86
CA GLU A 226 3.78 2.23 30.31
C GLU A 226 4.96 3.11 30.70
N LYS A 227 6.07 2.91 30.01
CA LYS A 227 7.31 3.62 30.32
C LYS A 227 7.06 5.11 30.42
N GLU A 228 6.39 5.66 29.42
CA GLU A 228 6.19 7.10 29.35
C GLU A 228 4.93 7.56 30.08
N GLY A 229 4.31 6.64 30.82
CA GLY A 229 3.18 6.97 31.66
C GLY A 229 1.98 7.39 30.83
N LEU A 230 1.56 6.50 29.94
CA LEU A 230 0.44 6.77 29.05
C LEU A 230 -0.60 5.68 29.23
N GLU A 231 -1.80 5.86 28.70
CA GLU A 231 -2.88 4.94 29.00
C GLU A 231 -3.41 4.17 27.80
N PHE A 232 -4.07 3.05 28.07
CA PHE A 232 -4.67 2.27 27.00
C PHE A 232 -6.12 1.95 27.36
N ARG A 233 -7.04 2.12 26.41
CA ARG A 233 -8.40 1.59 26.55
C ARG A 233 -8.67 0.70 25.36
N LYS A 234 -9.15 -0.51 25.64
CA LYS A 234 -9.48 -1.48 24.62
C LYS A 234 -10.72 -1.06 23.87
N LEU A 235 -10.61 -0.93 22.55
CA LEU A 235 -11.76 -0.63 21.70
C LEU A 235 -11.72 -1.28 20.32
N GLU A 236 -12.82 -1.92 19.95
CA GLU A 236 -12.95 -2.50 18.62
C GLU A 236 -13.52 -1.45 17.70
N PRO A 237 -13.04 -1.39 16.46
CA PRO A 237 -13.80 -0.61 15.48
C PRO A 237 -15.18 -1.22 15.33
N PRO A 238 -16.21 -0.38 15.30
CA PRO A 238 -17.56 -0.92 15.09
C PRO A 238 -17.79 -1.33 13.64
N LYS A 239 -18.53 -2.40 13.41
CA LYS A 239 -18.99 -2.69 12.06
C LYS A 239 -20.47 -2.42 11.99
N ARG A 240 -20.96 -2.05 10.81
CA ARG A 240 -22.39 -1.84 10.64
C ARG A 240 -22.87 -2.41 9.30
N SER B 2 -2.99 -28.38 -20.46
CA SER B 2 -3.32 -27.89 -21.80
C SER B 2 -2.20 -26.97 -22.34
N LYS B 3 -1.93 -27.03 -23.64
CA LYS B 3 -0.75 -26.35 -24.23
C LYS B 3 -0.87 -24.85 -24.53
N ASP B 4 -2.04 -24.38 -24.97
CA ASP B 4 -2.25 -22.94 -25.23
C ASP B 4 -1.96 -22.05 -24.02
N LYS B 5 -1.22 -20.96 -24.22
CA LYS B 5 -1.03 -19.97 -23.15
C LYS B 5 -2.38 -19.45 -22.69
N VAL B 6 -3.24 -19.17 -23.67
CA VAL B 6 -4.51 -18.54 -23.39
C VAL B 6 -5.69 -19.37 -23.82
N THR B 7 -6.70 -19.43 -22.95
CA THR B 7 -8.01 -19.93 -23.29
C THR B 7 -8.99 -18.85 -22.87
N VAL B 8 -9.84 -18.42 -23.79
CA VAL B 8 -10.75 -17.33 -23.48
C VAL B 8 -12.12 -17.56 -24.12
N ILE B 9 -13.17 -17.18 -23.41
CA ILE B 9 -14.52 -17.34 -23.90
C ILE B 9 -15.34 -16.10 -23.58
N THR B 10 -15.85 -15.43 -24.60
CA THR B 10 -16.76 -14.32 -24.36
C THR B 10 -18.14 -14.93 -24.11
N SER B 11 -18.99 -14.19 -23.40
CA SER B 11 -20.34 -14.64 -23.02
C SER B 11 -20.45 -16.13 -22.76
N PRO B 12 -19.70 -16.64 -21.78
CA PRO B 12 -19.67 -18.09 -21.53
C PRO B 12 -20.92 -18.57 -20.81
N SER B 13 -21.34 -19.79 -21.12
CA SER B 13 -22.42 -20.40 -20.38
C SER B 13 -21.89 -20.76 -19.01
N THR B 14 -22.80 -20.95 -18.07
CA THR B 14 -22.42 -21.38 -16.74
C THR B 14 -21.60 -22.65 -16.84
N GLU B 15 -21.99 -23.56 -17.71
CA GLU B 15 -21.20 -24.76 -17.98
C GLU B 15 -19.77 -24.38 -18.39
N GLU B 16 -19.66 -23.46 -19.34
CA GLU B 16 -18.36 -23.05 -19.87
C GLU B 16 -17.51 -22.32 -18.82
N LEU B 17 -18.17 -21.48 -18.03
CA LEU B 17 -17.55 -20.78 -16.91
C LEU B 17 -16.89 -21.76 -15.95
N VAL B 18 -17.71 -22.72 -15.48
CA VAL B 18 -17.26 -23.73 -14.55
C VAL B 18 -16.06 -24.48 -15.09
N SER B 19 -16.13 -24.87 -16.36
CA SER B 19 -15.00 -25.57 -16.95
C SER B 19 -13.72 -24.76 -16.80
N LEU B 20 -13.75 -23.51 -17.25
CA LEU B 20 -12.52 -22.72 -17.31
C LEU B 20 -12.05 -22.30 -15.94
N VAL B 21 -13.00 -21.92 -15.07
CA VAL B 21 -12.67 -21.53 -13.72
C VAL B 21 -11.95 -22.68 -13.04
N ASN B 22 -12.60 -23.83 -13.00
CA ASN B 22 -11.98 -25.00 -12.37
C ASN B 22 -10.68 -25.41 -13.05
N SER B 23 -10.56 -25.20 -14.34
CA SER B 23 -9.32 -25.53 -15.00
C SER B 23 -8.20 -24.62 -14.51
N ALA B 24 -8.53 -23.35 -14.36
CA ALA B 24 -7.55 -22.36 -13.94
C ALA B 24 -6.88 -22.75 -12.63
N LEU B 25 -7.71 -23.13 -11.64
CA LEU B 25 -7.21 -23.54 -10.34
C LEU B 25 -6.36 -24.80 -10.44
N LEU B 26 -6.89 -25.84 -11.07
CA LEU B 26 -6.16 -27.09 -11.20
C LEU B 26 -4.87 -26.93 -11.99
N GLU B 27 -4.89 -26.12 -13.03
CA GLU B 27 -3.71 -25.97 -13.87
C GLU B 27 -2.73 -24.99 -13.22
N GLU B 28 -3.16 -24.35 -12.14
CA GLU B 28 -2.35 -23.35 -11.45
C GLU B 28 -1.96 -22.23 -12.42
N ALA B 29 -2.99 -21.62 -13.00
CA ALA B 29 -2.85 -20.57 -14.00
C ALA B 29 -3.63 -19.33 -13.58
N MET B 30 -3.40 -18.23 -14.28
CA MET B 30 -4.09 -17.00 -13.94
C MET B 30 -5.50 -16.95 -14.52
N LEU B 31 -6.48 -16.76 -13.63
CA LEU B 31 -7.88 -16.59 -14.00
C LEU B 31 -8.18 -15.12 -14.20
N THR B 32 -8.81 -14.78 -15.33
CA THR B 32 -9.20 -13.40 -15.57
C THR B 32 -10.65 -13.39 -16.03
N ILE B 33 -11.44 -12.49 -15.45
CA ILE B 33 -12.85 -12.39 -15.75
C ILE B 33 -13.29 -10.94 -15.82
N PHE B 34 -13.97 -10.58 -16.91
CA PHE B 34 -14.68 -9.31 -16.96
C PHE B 34 -16.13 -9.65 -16.66
N ALA B 35 -16.73 -8.97 -15.68
CA ALA B 35 -18.08 -9.32 -15.24
C ALA B 35 -18.87 -8.18 -14.60
N ARG B 36 -20.18 -8.29 -14.65
CA ARG B 36 -21.07 -7.49 -13.82
C ARG B 36 -21.17 -8.24 -12.50
N CYS B 37 -21.00 -7.55 -11.38
CA CYS B 37 -20.96 -8.27 -10.11
C CYS B 37 -21.32 -7.41 -8.91
N LYS B 38 -21.69 -8.09 -7.83
CA LYS B 38 -21.80 -7.50 -6.51
C LYS B 38 -20.66 -8.10 -5.69
N VAL B 39 -20.13 -7.34 -4.73
CA VAL B 39 -19.03 -7.88 -3.93
C VAL B 39 -19.33 -7.76 -2.45
N HIS B 40 -19.04 -8.83 -1.69
CA HIS B 40 -19.21 -8.82 -0.24
C HIS B 40 -17.93 -9.21 0.48
N TYR B 41 -17.40 -8.29 1.29
CA TYR B 41 -16.20 -8.54 2.09
C TYR B 41 -16.51 -8.48 3.56
N ASP B 42 -16.05 -9.50 4.29
CA ASP B 42 -16.06 -9.49 5.75
C ASP B 42 -14.78 -10.17 6.24
N GLY B 43 -14.17 -9.57 7.24
CA GLY B 43 -12.78 -9.84 7.57
C GLY B 43 -12.40 -8.76 8.57
N ARG B 44 -11.14 -8.34 8.55
CA ARG B 44 -10.70 -7.21 9.35
C ARG B 44 -11.72 -6.05 9.33
N ALA B 45 -12.17 -5.66 8.15
CA ALA B 45 -13.31 -4.75 8.12
C ALA B 45 -14.46 -5.46 7.45
N LYS B 46 -15.53 -4.72 7.19
CA LYS B 46 -16.68 -5.24 6.45
C LYS B 46 -17.00 -4.29 5.29
N SER B 47 -17.42 -4.87 4.17
CA SER B 47 -17.52 -4.12 2.94
C SER B 47 -18.62 -4.59 1.99
N GLU B 48 -19.34 -3.64 1.39
CA GLU B 48 -20.35 -3.92 0.36
C GLU B 48 -20.05 -3.13 -0.90
N LEU B 49 -20.05 -3.81 -2.03
CA LEU B 49 -19.99 -3.15 -3.32
C LEU B 49 -21.18 -3.53 -4.17
N GLY B 50 -21.91 -2.52 -4.65
CA GLY B 50 -23.11 -2.74 -5.43
C GLY B 50 -22.79 -3.24 -6.82
N SER B 51 -23.84 -3.55 -7.59
CA SER B 51 -23.69 -4.09 -8.94
C SER B 51 -22.97 -3.14 -9.89
N GLY B 52 -21.99 -3.66 -10.62
CA GLY B 52 -21.24 -2.88 -11.59
C GLY B 52 -20.18 -3.73 -12.25
N ASP B 53 -19.45 -3.17 -13.21
CA ASP B 53 -18.53 -3.96 -14.02
C ASP B 53 -17.12 -3.83 -13.51
N ARG B 54 -16.41 -4.95 -13.43
CA ARG B 54 -15.05 -4.97 -12.92
C ARG B 54 -14.19 -6.04 -13.55
N VAL B 55 -12.87 -5.85 -13.48
CA VAL B 55 -11.94 -6.89 -13.87
C VAL B 55 -11.63 -7.72 -12.64
N ILE B 56 -11.61 -9.03 -12.80
CA ILE B 56 -11.28 -9.90 -11.69
C ILE B 56 -10.09 -10.79 -12.05
N ILE B 57 -9.10 -10.80 -11.19
CA ILE B 57 -7.95 -11.66 -11.36
C ILE B 57 -7.78 -12.58 -10.13
N VAL B 58 -7.63 -13.87 -10.39
CA VAL B 58 -7.29 -14.84 -9.36
C VAL B 58 -5.96 -15.47 -9.75
N LYS B 59 -4.91 -15.21 -8.98
CA LYS B 59 -3.58 -15.76 -9.27
C LYS B 59 -3.40 -17.18 -8.72
N PRO B 60 -2.51 -17.96 -9.35
CA PRO B 60 -2.33 -19.35 -8.89
C PRO B 60 -1.89 -19.45 -7.43
N ASP B 61 -1.41 -18.34 -6.87
CA ASP B 61 -0.93 -18.33 -5.49
C ASP B 61 -2.02 -17.89 -4.52
N GLY B 62 -3.23 -17.68 -5.04
CA GLY B 62 -4.38 -17.45 -4.20
C GLY B 62 -4.77 -15.98 -4.10
N SER B 63 -3.87 -15.11 -4.51
CA SER B 63 -4.14 -13.67 -4.51
C SER B 63 -5.33 -13.43 -5.39
N PHE B 64 -6.18 -12.50 -4.99
CA PHE B 64 -7.44 -12.28 -5.65
C PHE B 64 -7.62 -10.77 -5.81
N LEU B 65 -7.81 -10.30 -7.04
CA LEU B 65 -7.98 -8.86 -7.30
C LEU B 65 -9.37 -8.52 -7.86
N ILE B 66 -9.94 -7.42 -7.42
CA ILE B 66 -11.08 -6.87 -8.11
C ILE B 66 -10.83 -5.40 -8.43
N HIS B 67 -10.75 -5.09 -9.72
CA HIS B 67 -10.46 -3.75 -10.16
C HIS B 67 -11.64 -3.06 -10.85
N GLN B 68 -11.99 -1.88 -10.35
CA GLN B 68 -12.90 -0.99 -11.04
C GLN B 68 -12.11 -0.21 -12.10
N SER B 69 -12.80 0.69 -12.80
CA SER B 69 -12.23 1.37 -13.95
C SER B 69 -11.41 2.58 -13.56
N LYS B 70 -11.25 2.79 -12.25
CA LYS B 70 -10.38 3.86 -11.75
C LYS B 70 -9.43 3.39 -10.65
N LYS B 71 -8.60 4.32 -10.23
CA LYS B 71 -7.48 4.18 -9.31
C LYS B 71 -6.48 3.05 -9.61
N ARG B 72 -5.57 2.79 -8.66
CA ARG B 72 -4.52 1.80 -8.86
C ARG B 72 -4.74 0.59 -7.95
N GLU B 73 -5.66 0.79 -7.01
CA GLU B 73 -5.90 -0.15 -5.92
C GLU B 73 -7.13 -0.96 -6.21
N PRO B 74 -7.03 -2.28 -6.02
CA PRO B 74 -8.22 -3.12 -6.08
C PRO B 74 -9.27 -2.61 -5.13
N VAL B 75 -10.54 -2.66 -5.50
CA VAL B 75 -11.58 -2.20 -4.60
C VAL B 75 -11.78 -3.24 -3.47
N ASN B 76 -11.65 -4.50 -3.84
CA ASN B 76 -11.55 -5.57 -2.87
C ASN B 76 -10.50 -6.55 -3.33
N TRP B 77 -10.08 -7.43 -2.43
CA TRP B 77 -9.01 -8.33 -2.75
C TRP B 77 -8.92 -9.43 -1.73
N GLN B 78 -7.95 -10.31 -1.91
CA GLN B 78 -7.63 -11.34 -0.95
C GLN B 78 -6.14 -11.56 -1.10
N PRO B 79 -5.43 -11.83 0.01
CA PRO B 79 -3.97 -11.99 0.01
C PRO B 79 -3.53 -13.32 -0.55
N PRO B 80 -2.24 -13.45 -0.89
CA PRO B 80 -1.74 -14.78 -1.28
C PRO B 80 -2.07 -15.85 -0.23
N GLY B 81 -2.26 -17.09 -0.68
CA GLY B 81 -2.54 -18.19 0.23
C GLY B 81 -4.00 -18.33 0.55
N SER B 82 -4.81 -17.45 0.01
CA SER B 82 -6.25 -17.61 0.11
C SER B 82 -6.72 -18.78 -0.74
N ARG B 83 -7.86 -19.36 -0.37
CA ARG B 83 -8.42 -20.45 -1.14
C ARG B 83 -9.74 -20.00 -1.77
N VAL B 84 -9.90 -20.27 -3.07
CA VAL B 84 -11.11 -19.88 -3.77
C VAL B 84 -11.87 -21.10 -4.31
N ARG B 85 -13.19 -21.05 -4.20
CA ARG B 85 -14.03 -22.03 -4.84
C ARG B 85 -15.07 -21.28 -5.65
N LEU B 86 -15.57 -21.89 -6.72
CA LEU B 86 -16.69 -21.34 -7.48
C LEU B 86 -17.94 -22.04 -6.99
N GLU B 87 -18.96 -21.27 -6.64
CA GLU B 87 -20.21 -21.82 -6.12
C GLU B 87 -21.40 -21.45 -6.97
N LEU B 88 -22.29 -22.41 -7.21
CA LEU B 88 -23.43 -22.14 -8.08
C LEU B 88 -24.64 -21.96 -7.22
N ARG B 89 -25.14 -20.75 -7.15
CA ARG B 89 -26.34 -20.40 -6.41
C ARG B 89 -27.19 -19.71 -7.43
N GLU B 90 -28.06 -18.82 -6.98
CA GLU B 90 -28.88 -18.08 -7.92
C GLU B 90 -28.04 -17.52 -9.06
N ASN B 91 -26.79 -17.19 -8.76
CA ASN B 91 -25.81 -16.84 -9.79
C ASN B 91 -24.55 -17.55 -9.40
N PRO B 92 -23.57 -17.63 -10.31
CA PRO B 92 -22.28 -18.17 -9.89
C PRO B 92 -21.67 -17.26 -8.83
N VAL B 93 -21.02 -17.81 -7.80
CA VAL B 93 -20.37 -16.95 -6.83
C VAL B 93 -18.94 -17.40 -6.65
N LEU B 94 -18.00 -16.47 -6.80
CA LEU B 94 -16.61 -16.71 -6.46
C LEU B 94 -16.41 -16.45 -4.98
N VAL B 95 -15.88 -17.44 -4.27
CA VAL B 95 -15.68 -17.31 -2.84
C VAL B 95 -14.24 -17.56 -2.47
N SER B 96 -13.58 -16.51 -1.98
CA SER B 96 -12.20 -16.64 -1.51
C SER B 96 -12.16 -16.52 0.00
N ILE B 97 -11.50 -17.49 0.61
CA ILE B 97 -11.41 -17.48 2.05
C ILE B 97 -9.99 -17.52 2.52
N ARG B 98 -9.62 -16.44 3.19
CA ARG B 98 -8.43 -16.42 3.98
C ARG B 98 -8.77 -16.85 5.38
N ARG B 99 -7.94 -17.70 5.96
CA ARG B 99 -8.06 -18.10 7.36
C ARG B 99 -6.91 -17.37 7.95
N LYS B 100 -6.92 -17.14 9.25
CA LYS B 100 -5.65 -16.77 9.89
C LYS B 100 -5.16 -15.41 9.41
N PRO B 101 -5.95 -14.33 9.63
CA PRO B 101 -7.29 -14.13 10.22
C PRO B 101 -8.42 -14.53 9.24
N ARG B 102 -9.56 -15.02 9.74
CA ARG B 102 -10.67 -15.36 8.86
C ARG B 102 -11.11 -14.10 8.14
N GLU B 103 -11.06 -14.16 6.82
CA GLU B 103 -11.54 -13.12 5.93
C GLU B 103 -12.21 -13.73 4.73
N THR B 104 -13.45 -13.33 4.49
CA THR B 104 -14.24 -13.86 3.41
C THR B 104 -14.50 -12.82 2.33
N LEU B 105 -14.23 -13.18 1.09
CA LEU B 105 -14.63 -12.39 -0.05
C LEU B 105 -15.58 -13.19 -0.91
N GLU B 106 -16.72 -12.59 -1.23
CA GLU B 106 -17.70 -13.23 -2.12
C GLU B 106 -18.01 -12.37 -3.35
N VAL B 107 -17.79 -12.90 -4.54
CA VAL B 107 -18.11 -12.15 -5.76
C VAL B 107 -19.26 -12.81 -6.53
N GLU B 108 -20.42 -12.18 -6.50
CA GLU B 108 -21.59 -12.72 -7.18
C GLU B 108 -21.52 -12.32 -8.64
N LEU B 109 -21.40 -13.31 -9.53
CA LEU B 109 -21.23 -13.01 -10.94
C LEU B 109 -22.58 -12.92 -11.59
N GLU B 110 -23.02 -11.70 -11.85
CA GLU B 110 -24.36 -11.47 -12.38
C GLU B 110 -24.40 -11.74 -13.87
N GLU B 111 -23.47 -11.12 -14.60
CA GLU B 111 -23.24 -11.47 -15.99
C GLU B 111 -21.75 -11.50 -16.24
N VAL B 112 -21.26 -12.62 -16.74
CA VAL B 112 -19.85 -12.75 -17.09
C VAL B 112 -19.66 -12.45 -18.56
N TYR B 113 -18.97 -11.36 -18.87
CA TYR B 113 -18.68 -11.00 -20.26
C TYR B 113 -17.51 -11.79 -20.82
N MET B 114 -16.53 -12.09 -19.99
CA MET B 114 -15.39 -12.89 -20.43
C MET B 114 -14.79 -13.70 -19.29
N VAL B 115 -14.40 -14.94 -19.58
CA VAL B 115 -13.57 -15.70 -18.65
C VAL B 115 -12.37 -16.19 -19.43
N SER B 116 -11.21 -16.15 -18.81
CA SER B 116 -10.00 -16.60 -19.51
C SER B 116 -9.06 -17.30 -18.56
N VAL B 117 -8.24 -18.20 -19.13
CA VAL B 117 -7.19 -18.85 -18.40
C VAL B 117 -5.88 -18.50 -19.07
N PHE B 118 -4.96 -17.97 -18.29
CA PHE B 118 -3.69 -17.53 -18.83
C PHE B 118 -2.62 -18.35 -18.16
N ARG B 119 -1.92 -19.18 -18.93
CA ARG B 119 -0.94 -20.04 -18.32
C ARG B 119 0.39 -19.38 -18.51
N ALA B 120 0.80 -18.67 -17.48
CA ALA B 120 1.86 -17.70 -17.61
C ALA B 120 3.14 -18.31 -17.09
N GLU B 121 4.20 -18.16 -17.87
CA GLU B 121 5.50 -18.65 -17.47
C GLU B 121 6.38 -17.45 -17.14
N ASP B 122 6.76 -17.31 -15.87
CA ASP B 122 7.62 -16.21 -15.42
C ASP B 122 8.76 -16.71 -14.55
N TYR B 123 9.98 -16.69 -15.05
CA TYR B 123 11.11 -17.08 -14.21
C TYR B 123 11.92 -15.88 -13.72
N GLU B 124 11.45 -14.68 -14.02
CA GLU B 124 12.22 -13.49 -13.74
C GLU B 124 11.77 -12.73 -12.49
N GLU B 125 12.72 -12.12 -11.79
CA GLU B 125 12.41 -11.37 -10.58
C GLU B 125 12.76 -9.90 -10.77
N LEU B 126 12.04 -9.04 -10.07
CA LEU B 126 12.25 -7.62 -10.24
C LEU B 126 13.58 -7.18 -9.64
N ALA B 127 14.32 -6.38 -10.39
CA ALA B 127 15.55 -5.79 -9.91
C ALA B 127 15.38 -4.27 -9.72
N LEU B 128 15.30 -3.83 -8.47
CA LEU B 128 15.05 -2.43 -8.20
C LEU B 128 16.25 -1.83 -7.51
N THR B 129 16.54 -0.58 -7.81
CA THR B 129 17.63 0.13 -7.16
C THR B 129 17.09 1.46 -6.67
N GLY B 130 17.77 2.09 -5.71
CA GLY B 130 17.30 3.34 -5.14
C GLY B 130 16.59 3.16 -3.81
N SER B 131 16.76 2.01 -3.19
CA SER B 131 16.07 1.71 -1.95
C SER B 131 16.74 2.40 -0.78
N GLU B 132 16.15 2.30 0.42
CA GLU B 132 16.80 2.82 1.61
C GLU B 132 17.95 1.89 2.02
N ALA B 133 17.77 0.59 1.79
CA ALA B 133 18.83 -0.36 2.05
C ALA B 133 20.07 0.05 1.27
N GLU B 134 19.88 0.45 0.01
CA GLU B 134 21.00 0.92 -0.78
C GLU B 134 21.57 2.22 -0.23
N MET B 135 20.76 3.03 0.43
CA MET B 135 21.30 4.21 1.10
C MET B 135 22.28 3.74 2.18
N ALA B 136 21.85 2.74 2.94
CA ALA B 136 22.69 2.29 4.04
C ALA B 136 24.00 1.75 3.49
N GLU B 137 23.93 1.01 2.39
CA GLU B 137 25.13 0.42 1.84
C GLU B 137 26.10 1.53 1.44
N LEU B 138 25.56 2.59 0.84
CA LEU B 138 26.41 3.69 0.41
C LEU B 138 27.14 4.29 1.60
N ILE B 139 26.44 4.44 2.69
CA ILE B 139 26.97 5.12 3.85
C ILE B 139 28.11 4.31 4.46
N PHE B 140 27.97 2.99 4.46
CA PHE B 140 29.03 2.16 5.03
C PHE B 140 30.27 2.14 4.12
N GLU B 141 30.06 2.31 2.82
CA GLU B 141 31.16 2.38 1.87
C GLU B 141 31.83 3.75 1.84
N ASN B 142 31.06 4.77 2.17
CA ASN B 142 31.48 6.17 2.08
C ASN B 142 30.97 7.03 3.23
N PRO B 143 31.40 6.74 4.47
CA PRO B 143 30.77 7.36 5.64
C PRO B 143 30.86 8.87 5.61
N GLU B 144 31.74 9.38 4.76
CA GLU B 144 31.98 10.81 4.69
C GLU B 144 30.78 11.53 4.06
N VAL B 145 29.89 10.78 3.41
CA VAL B 145 28.71 11.42 2.83
C VAL B 145 27.82 11.98 3.94
N ILE B 146 28.07 11.51 5.15
CA ILE B 146 27.41 12.07 6.33
C ILE B 146 28.25 13.24 6.85
N GLU B 147 29.35 12.89 7.51
CA GLU B 147 30.32 13.90 7.88
C GLU B 147 31.70 13.27 7.99
N PRO B 148 32.75 14.09 7.83
CA PRO B 148 34.11 13.62 8.06
C PRO B 148 34.27 12.97 9.42
N GLY B 149 34.92 11.81 9.44
CA GLY B 149 35.19 11.10 10.67
C GLY B 149 34.07 10.23 11.15
N PHE B 150 32.97 10.17 10.41
CA PHE B 150 31.87 9.36 10.88
C PHE B 150 32.25 7.91 10.72
N LYS B 151 31.97 7.11 11.73
CA LYS B 151 32.26 5.68 11.69
C LYS B 151 30.97 4.92 11.94
N PRO B 152 30.32 4.50 10.86
CA PRO B 152 29.14 3.63 10.94
C PRO B 152 29.52 2.25 11.46
N LEU B 153 28.72 1.71 12.36
CA LEU B 153 29.04 0.46 13.07
C LEU B 153 27.95 -0.59 12.92
N PHE B 154 26.74 -0.30 13.39
CA PHE B 154 25.67 -1.28 13.27
C PHE B 154 24.56 -0.84 12.34
N ARG B 155 23.89 -1.82 11.74
CA ARG B 155 22.82 -1.60 10.79
C ARG B 155 21.56 -2.32 11.29
N GLU B 156 20.42 -1.64 11.26
CA GLU B 156 19.18 -2.21 11.79
C GLU B 156 19.41 -2.76 13.20
N LYS B 157 20.17 -2.04 14.01
CA LYS B 157 20.46 -2.47 15.37
C LYS B 157 19.27 -2.23 16.27
N ALA B 158 18.88 -3.24 17.03
CA ALA B 158 17.79 -3.04 17.96
C ALA B 158 18.31 -2.46 19.26
N ILE B 159 17.87 -1.24 19.55
CA ILE B 159 17.96 -0.70 20.90
C ILE B 159 16.73 -1.22 21.60
N GLY B 160 16.55 -0.87 22.85
CA GLY B 160 15.57 -1.54 23.67
C GLY B 160 14.17 -1.58 23.09
N THR B 161 13.73 -0.43 22.59
CA THR B 161 12.41 -0.29 22.01
C THR B 161 12.52 0.36 20.63
N GLY B 162 12.27 -0.42 19.58
CA GLY B 162 12.55 0.02 18.22
C GLY B 162 13.86 -0.50 17.65
N ILE B 163 14.04 -0.29 16.35
CA ILE B 163 15.23 -0.72 15.65
C ILE B 163 15.82 0.44 14.86
N VAL B 164 17.02 0.81 15.24
CA VAL B 164 17.72 1.93 14.65
C VAL B 164 18.28 1.57 13.28
N ALA B 165 18.14 2.46 12.30
CA ALA B 165 18.57 2.13 10.95
C ALA B 165 20.08 2.00 10.90
N VAL B 166 20.78 3.01 11.42
CA VAL B 166 22.24 2.94 11.50
C VAL B 166 22.72 3.54 12.79
N LEU B 167 23.59 2.81 13.47
CA LEU B 167 24.20 3.28 14.69
C LEU B 167 25.68 3.43 14.47
N GLY B 168 26.27 4.51 14.94
CA GLY B 168 27.66 4.80 14.61
C GLY B 168 28.32 5.68 15.64
N ARG B 169 29.52 6.16 15.32
CA ARG B 169 30.23 7.10 16.18
C ARG B 169 30.83 8.22 15.36
N ASP B 170 31.09 9.37 16.01
CA ASP B 170 31.74 10.48 15.31
C ASP B 170 33.15 10.79 15.83
N SER B 171 33.77 11.80 15.26
CA SER B 171 35.10 12.24 15.65
C SER B 171 35.22 12.60 17.14
N ASP B 172 34.14 13.05 17.76
CA ASP B 172 34.19 13.35 19.19
C ASP B 172 33.93 12.08 19.99
N GLY B 173 33.83 10.96 19.29
CA GLY B 173 33.55 9.68 19.94
C GLY B 173 32.14 9.57 20.50
N ASN B 174 31.18 10.24 19.87
CA ASN B 174 29.79 10.14 20.30
C ASN B 174 29.05 9.01 19.63
N ILE B 175 28.15 8.38 20.35
CA ILE B 175 27.16 7.53 19.73
C ILE B 175 26.26 8.36 18.80
N VAL B 176 26.07 7.86 17.59
CA VAL B 176 25.28 8.55 16.58
C VAL B 176 24.21 7.67 15.94
N VAL B 177 22.96 8.13 16.03
CA VAL B 177 21.83 7.48 15.34
C VAL B 177 21.53 8.15 14.01
N LEU B 178 21.34 7.35 12.96
CA LEU B 178 20.72 7.86 11.73
C LEU B 178 19.34 7.26 11.54
N GLU B 179 18.36 8.06 11.10
CA GLU B 179 17.20 7.49 10.36
C GLU B 179 17.33 7.91 8.92
N LEU B 180 17.23 6.93 8.04
CA LEU B 180 17.29 7.13 6.59
C LEU B 180 15.89 7.17 6.02
N LYS B 181 15.68 8.05 5.03
CA LYS B 181 14.49 8.00 4.21
C LYS B 181 14.89 8.20 2.75
N ARG B 182 14.38 7.32 1.89
CA ARG B 182 14.73 7.35 0.47
C ARG B 182 13.97 8.45 -0.23
N ARG B 183 12.92 8.95 0.42
CA ARG B 183 12.22 10.09 -0.12
C ARG B 183 12.14 11.18 0.92
N ARG B 184 11.45 12.26 0.58
CA ARG B 184 11.33 13.43 1.44
C ARG B 184 10.80 13.06 2.80
N ALA B 185 11.55 13.41 3.84
CA ALA B 185 11.26 12.93 5.19
C ALA B 185 10.16 13.75 5.82
N GLU B 186 9.35 13.07 6.61
CA GLU B 186 8.19 13.69 7.24
C GLU B 186 8.20 13.57 8.76
N LEU B 187 7.15 14.07 9.39
CA LEU B 187 7.04 14.03 10.84
C LEU B 187 7.34 12.69 11.49
N HIS B 188 6.91 11.57 10.90
CA HIS B 188 7.14 10.33 11.63
C HIS B 188 8.57 9.84 11.48
N ALA B 189 9.25 10.29 10.44
CA ALA B 189 10.68 10.04 10.37
C ALA B 189 11.32 10.65 11.61
N VAL B 190 11.00 11.92 11.87
CA VAL B 190 11.59 12.61 13.00
C VAL B 190 11.15 11.97 14.30
N ARG B 191 9.86 11.64 14.40
CA ARG B 191 9.37 10.97 15.61
C ARG B 191 10.14 9.70 15.89
N GLN B 192 10.40 8.91 14.85
CA GLN B 192 11.23 7.73 14.96
C GLN B 192 12.58 8.09 15.58
N LEU B 193 13.32 8.95 14.88
CA LEU B 193 14.64 9.38 15.31
C LEU B 193 14.61 9.87 16.76
N LYS B 194 13.73 10.82 17.03
CA LYS B 194 13.57 11.36 18.38
C LYS B 194 13.41 10.23 19.41
N SER B 195 12.55 9.27 19.08
CA SER B 195 12.25 8.14 19.96
C SER B 195 13.50 7.37 20.29
N TYR B 196 14.24 6.98 19.25
CA TYR B 196 15.48 6.21 19.41
C TYR B 196 16.50 6.98 20.26
N VAL B 197 16.81 8.19 19.83
CA VAL B 197 17.76 9.05 20.54
C VAL B 197 17.44 9.21 22.04
N GLU B 198 16.19 9.49 22.36
CA GLU B 198 15.79 9.63 23.75
C GLU B 198 16.16 8.38 24.55
N ILE B 199 15.90 7.22 23.96
CA ILE B 199 16.21 5.93 24.56
C ILE B 199 17.71 5.73 24.83
N LEU B 200 18.54 6.13 23.87
CA LEU B 200 19.99 6.02 24.01
C LEU B 200 20.55 7.09 24.94
N ARG B 201 19.97 8.29 24.93
CA ARG B 201 20.42 9.35 25.83
C ARG B 201 20.37 8.84 27.27
N GLU B 202 19.35 8.07 27.59
CA GLU B 202 19.21 7.50 28.93
C GLU B 202 20.35 6.53 29.26
N GLU B 203 20.88 5.81 28.29
CA GLU B 203 22.06 5.02 28.57
C GLU B 203 23.38 5.82 28.49
N TYR B 204 23.57 6.53 27.39
CA TYR B 204 24.86 7.18 27.08
C TYR B 204 24.93 8.70 27.29
N GLY B 205 23.87 9.32 27.81
CA GLY B 205 23.92 10.75 28.10
C GLY B 205 23.53 11.65 26.95
N ASP B 206 23.75 12.95 27.11
CA ASP B 206 23.30 13.93 26.12
C ASP B 206 24.25 14.12 24.96
N LYS B 207 25.39 13.44 25.01
CA LYS B 207 26.36 13.45 23.92
C LYS B 207 25.69 13.05 22.61
N VAL B 208 24.66 12.20 22.71
CA VAL B 208 24.14 11.45 21.58
C VAL B 208 23.49 12.30 20.50
N ARG B 209 23.99 12.17 19.28
CA ARG B 209 23.44 12.90 18.13
C ARG B 209 22.45 12.07 17.33
N GLY B 210 21.27 12.63 17.08
CA GLY B 210 20.44 12.13 16.00
C GLY B 210 20.66 12.86 14.69
N ILE B 211 20.69 12.13 13.59
CA ILE B 211 20.75 12.75 12.28
C ILE B 211 19.68 12.17 11.41
N LEU B 212 18.91 13.03 10.76
CA LEU B 212 17.97 12.57 9.77
C LEU B 212 18.64 12.65 8.40
N VAL B 213 18.66 11.53 7.69
CA VAL B 213 19.34 11.48 6.40
C VAL B 213 18.36 11.18 5.27
N ALA B 214 18.26 12.12 4.33
CA ALA B 214 17.17 12.09 3.38
C ALA B 214 17.39 13.18 2.34
N PRO B 215 16.76 13.05 1.17
CA PRO B 215 16.92 14.04 0.11
C PRO B 215 16.33 15.40 0.44
N SER B 216 15.40 15.46 1.40
CA SER B 216 14.72 16.70 1.77
C SER B 216 13.77 16.56 2.97
N LEU B 217 13.25 17.69 3.40
CA LEU B 217 12.44 17.78 4.60
C LEU B 217 11.12 18.47 4.35
N THR B 218 10.07 18.03 5.05
CA THR B 218 8.84 18.82 5.07
C THR B 218 9.02 19.94 6.09
N SER B 219 8.28 21.02 5.92
CA SER B 219 8.32 22.13 6.86
C SER B 219 8.14 21.64 8.29
N GLY B 220 7.20 20.73 8.48
CA GLY B 220 6.88 20.24 9.81
C GLY B 220 7.96 19.40 10.43
N ALA B 221 8.64 18.63 9.59
CA ALA B 221 9.76 17.79 10.03
C ALA B 221 10.93 18.66 10.47
N LYS B 222 11.27 19.66 9.64
CA LYS B 222 12.31 20.64 9.97
C LYS B 222 12.08 21.27 11.32
N ARG B 223 10.82 21.62 11.58
CA ARG B 223 10.44 22.33 12.78
C ARG B 223 10.67 21.49 14.03
N LEU B 224 10.20 20.24 14.00
CA LEU B 224 10.36 19.34 15.15
C LEU B 224 11.81 18.94 15.32
N LEU B 225 12.49 18.72 14.20
CA LEU B 225 13.91 18.39 14.20
C LEU B 225 14.69 19.41 14.99
N GLU B 226 14.50 20.68 14.63
CA GLU B 226 15.20 21.77 15.27
C GLU B 226 14.83 21.89 16.74
N LYS B 227 13.53 21.76 17.02
CA LYS B 227 13.00 21.93 18.37
C LYS B 227 13.62 20.93 19.32
N GLU B 228 13.96 19.73 18.82
CA GLU B 228 14.52 18.68 19.66
C GLU B 228 16.05 18.60 19.59
N GLY B 229 16.64 19.50 18.82
CA GLY B 229 18.09 19.56 18.69
C GLY B 229 18.62 18.34 17.98
N LEU B 230 17.98 17.99 16.88
CA LEU B 230 18.49 16.94 16.03
C LEU B 230 19.05 17.53 14.76
N GLU B 231 19.63 16.69 13.93
CA GLU B 231 20.36 17.18 12.77
C GLU B 231 19.82 16.64 11.45
N PHE B 232 20.17 17.32 10.37
CA PHE B 232 19.77 16.86 9.06
C PHE B 232 20.94 16.88 8.09
N ARG B 233 21.16 15.74 7.45
CA ARG B 233 22.10 15.62 6.35
C ARG B 233 21.32 15.28 5.09
N LYS B 234 21.56 16.03 4.02
CA LYS B 234 20.91 15.76 2.74
C LYS B 234 21.64 14.64 2.01
N LEU B 235 20.91 13.60 1.66
CA LEU B 235 21.45 12.49 0.89
C LEU B 235 20.39 12.00 -0.06
N GLU B 236 20.73 11.81 -1.34
CA GLU B 236 19.81 11.21 -2.33
C GLU B 236 20.00 9.70 -2.33
N PRO B 237 18.91 8.94 -2.49
CA PRO B 237 19.12 7.49 -2.60
C PRO B 237 19.83 7.16 -3.90
N PRO B 238 20.87 6.34 -3.83
CA PRO B 238 21.66 6.00 -5.03
C PRO B 238 20.95 5.05 -5.98
N LYS B 239 21.10 5.25 -7.28
CA LYS B 239 20.62 4.32 -8.31
C LYS B 239 21.76 3.63 -9.09
N ARG B 240 21.91 2.32 -8.95
CA ARG B 240 22.90 1.56 -9.73
C ARG B 240 22.78 1.83 -11.23
C1 MPD E . -8.95 -14.88 -35.45
C2 MPD E . -7.62 -14.09 -35.36
O2 MPD E . -7.74 -12.84 -36.11
CM MPD E . -7.28 -13.73 -33.93
C3 MPD E . -6.46 -14.91 -35.90
C4 MPD E . -5.58 -14.00 -36.74
O4 MPD E . -5.10 -12.98 -35.89
C5 MPD E . -4.40 -14.77 -37.35
MG MG F . -3.28 10.24 14.19
MG MG G . 14.37 3.08 8.96
C1 MPD H . -6.29 9.77 6.58
C2 MPD H . -7.42 10.60 7.13
O2 MPD H . -7.89 11.44 6.03
CM MPD H . -8.55 9.68 7.57
C3 MPD H . -6.90 11.50 8.27
C4 MPD H . -5.96 12.55 7.66
O4 MPD H . -6.72 13.54 7.01
C5 MPD H . -5.01 13.22 8.65
C1 MPD I . 14.18 -2.66 7.61
C2 MPD I . 13.05 -3.68 7.58
O2 MPD I . 13.61 -5.02 7.40
CM MPD I . 12.33 -3.59 8.93
C3 MPD I . 12.11 -3.41 6.42
C4 MPD I . 12.86 -3.55 5.09
O4 MPD I . 13.82 -4.59 5.20
C5 MPD I . 11.90 -3.79 3.91
C1 MPD J . 7.53 -3.07 -2.38
C2 MPD J . 6.15 -3.24 -1.76
O2 MPD J . 5.47 -4.29 -2.52
CM MPD J . 6.28 -3.68 -0.31
C3 MPD J . 5.33 -1.94 -1.79
C4 MPD J . 5.12 -1.51 -3.24
O4 MPD J . 3.75 -1.47 -3.63
C5 MPD J . 5.76 -0.13 -3.42
C1 MPD K . -7.60 2.22 -1.16
C2 MPD K . -7.12 2.18 0.31
O2 MPD K . -5.83 2.89 0.47
CM MPD K . -8.20 2.88 1.12
C3 MPD K . -7.02 0.72 0.79
C4 MPD K . -5.65 0.05 0.58
O4 MPD K . -5.08 -0.28 1.83
C5 MPD K . -5.70 -1.22 -0.29
#